data_4JG1
#
_entry.id   4JG1
#
_cell.length_a   43.807
_cell.length_b   95.591
_cell.length_c   119.817
_cell.angle_alpha   90.000
_cell.angle_beta   90.000
_cell.angle_gamma   90.000
#
_symmetry.space_group_name_H-M   'P 21 21 21'
#
loop_
_entity.id
_entity.type
_entity.pdbx_description
1 polymer 'Fab light chain'
2 polymer 'Fab heavy chain'
3 polymer Phosphopeptide
4 non-polymer 'PROPANOIC ACID'
5 water water
#
loop_
_entity_poly.entity_id
_entity_poly.type
_entity_poly.pdbx_seq_one_letter_code
_entity_poly.pdbx_strand_id
1 'polypeptide(L)'
;DIVLTQSPATLSLSPGERATLSCMTSTDIDDDMNWYQQKPGQAPRLLISEGNTLRPGVPARFSGSGSGTDFTLTISSLEP
EDFAVYYCLQSFNVPLTFGQGTKVEIKRTVAAPSVFIFPPSDSQLKSGTASVVCLLNNFYPREAKVQWKVDNALQSGNSQ
ESVTEQDSKDSTYSLSSTLTLSKADYEKHKVYACEVTHQGLSSPVTKSFNRGEC
;
L
2 'polypeptide(L)'
;EISEVQLVESGGGLVQPGGSLRLSCVTSGFTFRKFGMSWVRQAPGKGLEWVASISTPRGSTTYYSDSVKGRFTISRDNSK
NTLYLQMNSLRAEDTAVYYCTRGYSSTSYAMDYWGQGTLVTVSSASTKGPSVFPLAPSSKSTSGGTAALGCLVKDYFPEP
VTVSWNSGALTSGVHTFPAVLQSSGLYSLSSVVTVPSSSLGTQTYICNVNHKPSNTKVDKKVEPKSCSHTATGA
;
H
3 'polypeptide(L)' GEKKGNYVVT(TPO)H P
#
# COMPACT_ATOMS: atom_id res chain seq x y z
N ASP A 1 -1.45 -13.95 23.01
CA ASP A 1 -2.17 -12.92 22.21
C ASP A 1 -3.24 -13.59 21.36
N ILE A 2 -4.38 -12.95 21.26
CA ILE A 2 -5.51 -13.52 20.55
C ILE A 2 -5.36 -13.22 19.06
N VAL A 3 -5.46 -14.28 18.26
CA VAL A 3 -5.33 -14.17 16.81
C VAL A 3 -6.71 -14.09 16.17
N LEU A 4 -6.89 -13.07 15.33
CA LEU A 4 -8.11 -12.88 14.55
C LEU A 4 -7.82 -13.28 13.10
N THR A 5 -8.65 -14.16 12.57
CA THR A 5 -8.46 -14.70 11.22
C THR A 5 -9.66 -14.28 10.40
N GLN A 6 -9.42 -13.36 9.48
CA GLN A 6 -10.47 -12.87 8.60
C GLN A 6 -10.48 -13.60 7.30
N SER A 7 -11.68 -13.97 6.85
CA SER A 7 -11.81 -14.63 5.55
C SER A 7 -13.12 -14.25 4.89
N PRO A 8 -13.17 -14.29 3.54
CA PRO A 8 -12.02 -14.45 2.66
C PRO A 8 -11.21 -13.15 2.67
N ALA A 9 -9.93 -13.22 2.35
CA ALA A 9 -9.12 -12.00 2.31
C ALA A 9 -9.61 -11.07 1.23
N THR A 10 -10.15 -11.62 0.15
CA THR A 10 -10.81 -10.85 -0.90
C THR A 10 -12.19 -11.35 -1.17
N LEU A 11 -13.17 -10.45 -1.13
CA LEU A 11 -14.55 -10.77 -1.44
C LEU A 11 -14.93 -10.03 -2.71
N SER A 12 -15.25 -10.74 -3.77
CA SER A 12 -15.50 -10.13 -5.07
C SER A 12 -16.99 -10.15 -5.38
N LEU A 13 -17.60 -8.97 -5.43
CA LEU A 13 -19.07 -8.87 -5.53
C LEU A 13 -19.47 -7.69 -6.39
N SER A 14 -20.75 -7.64 -6.77
CA SER A 14 -21.30 -6.50 -7.51
C SER A 14 -22.16 -5.67 -6.61
N PRO A 15 -22.31 -4.38 -6.91
CA PRO A 15 -23.29 -3.55 -6.21
C PRO A 15 -24.63 -4.24 -6.17
N GLY A 16 -25.31 -4.14 -5.02
CA GLY A 16 -26.60 -4.76 -4.85
C GLY A 16 -26.53 -6.11 -4.17
N GLU A 17 -25.38 -6.77 -4.23
CA GLU A 17 -25.27 -8.10 -3.65
C GLU A 17 -24.99 -8.07 -2.15
N ARG A 18 -25.34 -9.17 -1.48
CA ARG A 18 -25.07 -9.32 -0.05
C ARG A 18 -23.60 -9.69 0.19
N ALA A 19 -22.94 -8.94 1.07
CA ALA A 19 -21.56 -9.26 1.47
C ALA A 19 -21.55 -9.88 2.86
N THR A 20 -20.86 -11.00 3.02
CA THR A 20 -20.68 -11.67 4.32
C THR A 20 -19.19 -11.75 4.57
N LEU A 21 -18.73 -11.16 5.67
CA LEU A 21 -17.32 -11.17 6.05
C LEU A 21 -17.17 -11.92 7.38
N SER A 22 -16.20 -12.82 7.45
CA SER A 22 -15.97 -13.68 8.60
CA SER A 22 -15.99 -13.64 8.62
C SER A 22 -14.72 -13.29 9.39
N CYS A 23 -14.79 -13.36 10.72
CA CYS A 23 -13.65 -13.17 11.59
C CYS A 23 -13.75 -14.23 12.67
N MET A 24 -12.74 -15.09 12.74
CA MET A 24 -12.71 -16.13 13.76
C MET A 24 -11.58 -15.80 14.72
N THR A 25 -11.79 -16.08 16.00
CA THR A 25 -10.81 -15.76 17.02
C THR A 25 -10.23 -17.04 17.61
N SER A 26 -8.98 -16.95 18.07
CA SER A 26 -8.28 -18.10 18.61
C SER A 26 -8.74 -18.53 20.00
N THR A 27 -9.47 -17.64 20.67
CA THR A 27 -10.09 -17.98 21.93
C THR A 27 -11.40 -17.21 22.08
N ASP A 28 -12.21 -17.64 23.02
CA ASP A 28 -13.53 -17.03 23.28
C ASP A 28 -13.33 -15.60 23.81
N ILE A 29 -13.86 -14.62 23.08
CA ILE A 29 -13.72 -13.21 23.45
C ILE A 29 -15.07 -12.57 23.85
N ASP A 30 -15.99 -13.44 24.24
CA ASP A 30 -17.35 -13.02 24.58
C ASP A 30 -17.91 -12.26 23.38
N ASP A 31 -18.40 -11.02 23.57
CA ASP A 31 -18.96 -10.27 22.46
C ASP A 31 -18.11 -9.02 22.16
N ASP A 32 -16.83 -9.04 22.57
CA ASP A 32 -15.98 -7.85 22.40
C ASP A 32 -15.32 -7.78 21.02
N MET A 33 -16.15 -7.82 19.98
CA MET A 33 -15.74 -7.72 18.59
CA MET A 33 -15.69 -7.69 18.61
C MET A 33 -16.17 -6.38 18.02
N ASN A 34 -15.27 -5.75 17.25
CA ASN A 34 -15.52 -4.46 16.62
C ASN A 34 -15.12 -4.55 15.15
N TRP A 35 -15.82 -3.83 14.30
CA TRP A 35 -15.55 -3.82 12.85
C TRP A 35 -15.33 -2.41 12.34
N TYR A 36 -14.30 -2.28 11.49
CA TYR A 36 -13.90 -1.03 10.88
C TYR A 36 -13.92 -1.11 9.35
N GLN A 37 -14.17 0.03 8.70
CA GLN A 37 -14.02 0.18 7.26
C GLN A 37 -12.86 1.13 7.02
N GLN A 38 -12.04 0.87 6.01
CA GLN A 38 -10.98 1.79 5.61
C GLN A 38 -10.86 1.89 4.11
N LYS A 39 -10.86 3.11 3.62
CA LYS A 39 -10.65 3.38 2.21
C LYS A 39 -9.22 3.87 1.99
N PRO A 40 -8.72 3.74 0.75
CA PRO A 40 -7.34 4.14 0.52
C PRO A 40 -7.08 5.57 0.92
N GLY A 41 -5.99 5.79 1.64
CA GLY A 41 -5.59 7.13 1.99
C GLY A 41 -6.38 7.74 3.12
N GLN A 42 -7.36 7.02 3.66
CA GLN A 42 -8.17 7.54 4.74
C GLN A 42 -7.97 6.77 6.04
N ALA A 43 -8.34 7.41 7.15
CA ALA A 43 -8.36 6.72 8.44
C ALA A 43 -9.52 5.74 8.51
N PRO A 44 -9.39 4.68 9.31
CA PRO A 44 -10.52 3.79 9.52
C PRO A 44 -11.70 4.47 10.20
N ARG A 45 -12.86 3.86 9.98
CA ARG A 45 -14.14 4.27 10.54
C ARG A 45 -14.79 3.09 11.27
N LEU A 46 -15.23 3.32 12.50
CA LEU A 46 -15.89 2.28 13.29
C LEU A 46 -17.32 2.07 12.81
N LEU A 47 -17.66 0.81 12.53
CA LEU A 47 -19.00 0.46 12.03
C LEU A 47 -19.86 -0.18 13.12
N ILE A 48 -19.24 -1.13 13.83
CA ILE A 48 -19.93 -1.97 14.81
C ILE A 48 -19.01 -2.09 16.01
N SER A 49 -19.53 -1.83 17.21
CA SER A 49 -18.73 -2.02 18.42
C SER A 49 -19.19 -3.24 19.22
N GLU A 50 -18.52 -3.47 20.34
CA GLU A 50 -18.79 -4.59 21.24
C GLU A 50 -20.27 -4.85 21.40
N GLY A 51 -20.64 -6.13 21.35
CA GLY A 51 -22.04 -6.49 21.47
C GLY A 51 -22.82 -6.34 20.17
N ASN A 52 -22.09 -6.34 19.06
CA ASN A 52 -22.70 -6.15 17.73
C ASN A 52 -23.56 -4.91 17.69
N THR A 53 -23.02 -3.83 18.26
CA THR A 53 -23.72 -2.57 18.39
C THR A 53 -23.44 -1.69 17.17
N LEU A 54 -24.48 -1.38 16.40
CA LEU A 54 -24.33 -0.53 15.21
C LEU A 54 -24.09 0.91 15.65
N ARG A 55 -23.04 1.54 15.14
CA ARG A 55 -22.70 2.89 15.61
C ARG A 55 -23.67 3.93 15.05
N PRO A 56 -23.95 4.98 15.84
CA PRO A 56 -24.88 5.98 15.29
C PRO A 56 -24.34 6.56 13.99
N GLY A 57 -25.22 6.75 13.01
CA GLY A 57 -24.80 7.34 11.75
C GLY A 57 -24.37 6.31 10.72
N VAL A 58 -24.16 5.08 11.12
CA VAL A 58 -23.78 4.03 10.17
C VAL A 58 -25.05 3.47 9.56
N PRO A 59 -25.09 3.31 8.22
CA PRO A 59 -26.30 2.85 7.54
C PRO A 59 -26.76 1.49 8.04
N ALA A 60 -28.07 1.30 8.05
CA ALA A 60 -28.70 0.08 8.53
C ALA A 60 -28.32 -1.19 7.78
N ARG A 61 -27.79 -1.06 6.56
CA ARG A 61 -27.38 -2.23 5.80
C ARG A 61 -26.19 -2.97 6.41
N PHE A 62 -25.47 -2.34 7.32
CA PHE A 62 -24.37 -2.97 8.07
C PHE A 62 -24.89 -3.62 9.34
N SER A 63 -24.47 -4.84 9.62
CA SER A 63 -24.82 -5.48 10.87
C SER A 63 -23.80 -6.52 11.26
N GLY A 64 -23.62 -6.67 12.56
CA GLY A 64 -22.71 -7.67 13.08
C GLY A 64 -23.50 -8.78 13.74
N SER A 65 -22.96 -10.00 13.64
CA SER A 65 -23.57 -11.12 14.32
C SER A 65 -22.49 -12.07 14.82
N GLY A 66 -22.91 -12.97 15.70
CA GLY A 66 -22.00 -13.94 16.31
C GLY A 66 -21.45 -13.49 17.64
N SER A 67 -20.92 -14.44 18.40
CA SER A 67 -20.17 -14.13 19.62
C SER A 67 -19.29 -15.36 19.90
N GLY A 68 -18.43 -15.25 20.89
CA GLY A 68 -17.57 -16.35 21.26
C GLY A 68 -16.31 -16.37 20.40
N THR A 69 -16.35 -17.17 19.33
CA THR A 69 -15.20 -17.42 18.48
C THR A 69 -15.42 -17.18 16.97
N ASP A 70 -16.65 -16.89 16.59
CA ASP A 70 -16.99 -16.78 15.18
CA ASP A 70 -17.04 -16.84 15.19
C ASP A 70 -17.93 -15.61 14.98
N PHE A 71 -17.44 -14.63 14.22
CA PHE A 71 -18.12 -13.34 14.05
C PHE A 71 -18.31 -13.02 12.58
N THR A 72 -19.40 -12.35 12.25
CA THR A 72 -19.72 -12.03 10.86
C THR A 72 -20.13 -10.57 10.77
N LEU A 73 -19.63 -9.89 9.74
CA LEU A 73 -20.16 -8.59 9.35
C LEU A 73 -20.94 -8.81 8.06
N THR A 74 -22.18 -8.35 8.03
CA THR A 74 -23.02 -8.47 6.86
C THR A 74 -23.30 -7.08 6.31
N ILE A 75 -23.17 -6.95 5.00
CA ILE A 75 -23.67 -5.76 4.31
C ILE A 75 -24.80 -6.26 3.45
N SER A 76 -26.04 -5.88 3.77
CA SER A 76 -27.19 -6.57 3.20
C SER A 76 -27.30 -6.40 1.67
N SER A 77 -26.89 -5.24 1.20
CA SER A 77 -26.91 -4.91 -0.22
CA SER A 77 -26.89 -4.91 -0.22
C SER A 77 -25.83 -3.85 -0.45
N LEU A 78 -24.78 -4.22 -1.17
CA LEU A 78 -23.63 -3.34 -1.37
C LEU A 78 -23.94 -2.08 -2.18
N GLU A 79 -23.54 -0.94 -1.63
CA GLU A 79 -23.53 0.32 -2.36
C GLU A 79 -22.12 0.56 -2.91
N PRO A 80 -21.99 1.40 -3.96
CA PRO A 80 -20.66 1.63 -4.53
C PRO A 80 -19.66 2.11 -3.49
N GLU A 81 -20.12 2.87 -2.50
CA GLU A 81 -19.19 3.41 -1.51
C GLU A 81 -18.68 2.37 -0.53
N ASP A 82 -19.24 1.16 -0.58
CA ASP A 82 -18.89 0.09 0.37
C ASP A 82 -17.69 -0.77 -0.06
N PHE A 83 -17.22 -0.60 -1.28
CA PHE A 83 -16.04 -1.31 -1.73
C PHE A 83 -14.82 -0.63 -1.07
N ALA A 84 -14.15 -1.40 -0.22
CA ALA A 84 -13.20 -0.89 0.76
C ALA A 84 -12.57 -2.08 1.48
N VAL A 85 -11.66 -1.81 2.41
CA VAL A 85 -11.11 -2.87 3.25
C VAL A 85 -11.83 -2.84 4.58
N TYR A 86 -12.08 -4.02 5.15
CA TYR A 86 -12.72 -4.11 6.46
C TYR A 86 -11.84 -4.87 7.43
N TYR A 87 -11.71 -4.35 8.65
CA TYR A 87 -10.93 -4.98 9.72
C TYR A 87 -11.81 -5.29 10.91
N CYS A 88 -11.53 -6.44 11.52
CA CYS A 88 -12.10 -6.77 12.81
C CYS A 88 -11.05 -6.53 13.91
N LEU A 89 -11.54 -6.23 15.10
CA LEU A 89 -10.70 -5.90 16.25
C LEU A 89 -11.33 -6.49 17.48
N GLN A 90 -10.57 -7.27 18.25
CA GLN A 90 -11.04 -7.73 19.54
C GLN A 90 -10.55 -6.74 20.61
N SER A 91 -11.44 -6.39 21.52
CA SER A 91 -11.15 -5.50 22.63
C SER A 91 -11.45 -6.19 23.97
N PHE A 92 -11.43 -7.53 23.94
CA PHE A 92 -11.55 -8.32 25.16
C PHE A 92 -10.29 -8.20 26.04
N ASN A 93 -9.12 -8.40 25.46
CA ASN A 93 -7.87 -8.35 26.22
C ASN A 93 -6.84 -7.49 25.52
N VAL A 94 -5.87 -7.02 26.30
CA VAL A 94 -4.63 -6.50 25.73
CA VAL A 94 -4.61 -6.48 25.79
C VAL A 94 -3.65 -7.67 25.58
N PRO A 95 -2.88 -7.67 24.49
CA PRO A 95 -2.88 -6.66 23.41
C PRO A 95 -4.15 -6.68 22.59
N LEU A 96 -4.65 -5.48 22.26
CA LEU A 96 -5.76 -5.37 21.32
C LEU A 96 -5.23 -5.86 19.99
N THR A 97 -5.97 -6.75 19.33
CA THR A 97 -5.47 -7.35 18.10
C THR A 97 -6.52 -7.28 16.98
N PHE A 98 -6.01 -7.08 15.76
CA PHE A 98 -6.83 -6.94 14.56
C PHE A 98 -6.68 -8.15 13.64
N GLY A 99 -7.75 -8.43 12.88
CA GLY A 99 -7.63 -9.30 11.71
C GLY A 99 -6.79 -8.63 10.64
N GLN A 100 -6.38 -9.40 9.65
CA GLN A 100 -5.49 -8.90 8.58
C GLN A 100 -6.25 -8.19 7.47
N GLY A 101 -7.57 -8.17 7.55
CA GLY A 101 -8.41 -7.44 6.62
C GLY A 101 -9.05 -8.28 5.55
N THR A 102 -10.22 -7.80 5.09
CA THR A 102 -10.90 -8.34 3.94
C THR A 102 -11.15 -7.19 3.00
N LYS A 103 -10.69 -7.31 1.75
CA LYS A 103 -10.97 -6.32 0.73
C LYS A 103 -12.23 -6.73 -0.03
N VAL A 104 -13.22 -5.86 -0.03
CA VAL A 104 -14.44 -6.06 -0.81
C VAL A 104 -14.20 -5.34 -2.13
N GLU A 105 -14.08 -6.10 -3.22
CA GLU A 105 -13.75 -5.52 -4.51
C GLU A 105 -14.84 -5.78 -5.51
N ILE A 106 -14.77 -5.02 -6.60
CA ILE A 106 -15.76 -5.11 -7.67
CA ILE A 106 -15.77 -5.11 -7.66
C ILE A 106 -15.50 -6.28 -8.59
N LYS A 107 -16.50 -7.15 -8.72
CA LYS A 107 -16.43 -8.29 -9.62
C LYS A 107 -16.77 -7.81 -11.01
N ARG A 108 -16.08 -8.33 -12.01
CA ARG A 108 -16.41 -8.04 -13.40
C ARG A 108 -16.05 -9.27 -14.24
N THR A 109 -16.29 -9.23 -15.54
CA THR A 109 -15.97 -10.40 -16.38
C THR A 109 -14.47 -10.55 -16.47
N VAL A 110 -14.05 -11.77 -16.81
CA VAL A 110 -12.61 -12.06 -16.93
C VAL A 110 -12.00 -11.22 -18.04
N ALA A 111 -10.86 -10.62 -17.73
CA ALA A 111 -10.11 -9.79 -18.68
C ALA A 111 -8.64 -10.22 -18.67
N ALA A 112 -8.14 -10.72 -19.79
CA ALA A 112 -6.73 -11.09 -19.88
C ALA A 112 -5.88 -9.84 -19.99
N PRO A 113 -4.69 -9.89 -19.39
CA PRO A 113 -3.76 -8.76 -19.55
C PRO A 113 -3.18 -8.70 -20.95
N SER A 114 -2.86 -7.49 -21.41
CA SER A 114 -1.87 -7.33 -22.46
C SER A 114 -0.54 -7.31 -21.74
N VAL A 115 0.50 -7.85 -22.38
CA VAL A 115 1.82 -8.04 -21.75
C VAL A 115 2.88 -7.37 -22.61
N PHE A 116 3.79 -6.66 -21.97
CA PHE A 116 4.87 -5.95 -22.64
C PHE A 116 6.16 -6.12 -21.84
N ILE A 117 7.27 -6.35 -22.51
CA ILE A 117 8.57 -6.40 -21.88
C ILE A 117 9.47 -5.27 -22.38
N PHE A 118 10.25 -4.72 -21.45
CA PHE A 118 11.14 -3.59 -21.74
C PHE A 118 12.54 -3.89 -21.30
N PRO A 119 13.51 -3.83 -22.22
CA PRO A 119 14.92 -3.97 -21.85
CA PRO A 119 14.90 -3.97 -21.81
C PRO A 119 15.39 -2.76 -21.04
N PRO A 120 16.50 -2.91 -20.33
CA PRO A 120 17.11 -1.72 -19.74
CA PRO A 120 17.18 -1.75 -19.73
C PRO A 120 17.60 -0.78 -20.81
N SER A 121 17.48 0.50 -20.53
CA SER A 121 17.97 1.53 -21.43
C SER A 121 19.49 1.55 -21.44
N ASP A 122 20.09 2.06 -22.52
CA ASP A 122 21.52 2.21 -22.55
C ASP A 122 22.04 3.14 -21.45
N SER A 123 21.26 4.16 -21.10
CA SER A 123 21.70 5.09 -20.07
C SER A 123 21.78 4.40 -18.71
N GLN A 124 20.84 3.50 -18.42
CA GLN A 124 20.95 2.74 -17.18
C GLN A 124 22.17 1.85 -17.18
N LEU A 125 22.38 1.13 -18.29
CA LEU A 125 23.49 0.21 -18.34
C LEU A 125 24.82 0.93 -18.12
N LYS A 126 24.91 2.14 -18.67
CA LYS A 126 26.10 2.96 -18.46
C LYS A 126 26.36 3.16 -16.96
N SER A 127 25.35 2.93 -16.13
CA SER A 127 25.44 3.23 -14.70
C SER A 127 25.85 2.04 -13.85
N GLY A 128 25.82 0.82 -14.40
CA GLY A 128 26.25 -0.35 -13.66
C GLY A 128 25.15 -1.32 -13.29
N THR A 129 23.91 -0.95 -13.63
CA THR A 129 22.76 -1.76 -13.27
CA THR A 129 22.78 -1.79 -13.30
C THR A 129 21.82 -1.96 -14.47
N ALA A 130 21.04 -3.02 -14.40
CA ALA A 130 20.11 -3.35 -15.44
C ALA A 130 18.78 -3.72 -14.80
N SER A 131 17.74 -2.97 -15.13
CA SER A 131 16.40 -3.33 -14.71
C SER A 131 15.62 -3.72 -15.97
N VAL A 132 14.97 -4.86 -15.89
CA VAL A 132 14.14 -5.34 -16.98
C VAL A 132 12.69 -5.30 -16.46
N VAL A 133 11.79 -4.71 -17.23
CA VAL A 133 10.43 -4.48 -16.76
C VAL A 133 9.41 -5.24 -17.59
N CYS A 134 8.46 -5.87 -16.91
CA CYS A 134 7.35 -6.57 -17.56
C CYS A 134 6.06 -5.92 -17.08
N LEU A 135 5.22 -5.49 -18.01
CA LEU A 135 3.93 -4.86 -17.71
C LEU A 135 2.78 -5.82 -18.05
N LEU A 136 1.86 -5.99 -17.09
CA LEU A 136 0.60 -6.67 -17.33
C LEU A 136 -0.48 -5.60 -17.22
N ASN A 137 -1.14 -5.35 -18.34
CA ASN A 137 -2.06 -4.22 -18.46
C ASN A 137 -3.51 -4.66 -18.51
N ASN A 138 -4.29 -4.10 -17.58
CA ASN A 138 -5.75 -4.16 -17.60
CA ASN A 138 -5.75 -4.16 -17.52
C ASN A 138 -6.35 -5.56 -17.52
N PHE A 139 -6.12 -6.25 -16.42
CA PHE A 139 -6.58 -7.63 -16.24
C PHE A 139 -7.52 -7.79 -15.02
N TYR A 140 -8.28 -8.86 -15.06
CA TYR A 140 -9.20 -9.22 -13.97
C TYR A 140 -9.48 -10.71 -14.13
N PRO A 141 -9.45 -11.48 -13.04
CA PRO A 141 -9.24 -11.10 -11.64
C PRO A 141 -7.79 -10.81 -11.32
N ARG A 142 -7.57 -10.51 -10.04
CA ARG A 142 -6.26 -10.06 -9.54
C ARG A 142 -5.15 -11.10 -9.64
N GLU A 143 -5.48 -12.38 -9.44
CA GLU A 143 -4.45 -13.40 -9.41
C GLU A 143 -3.68 -13.44 -10.73
N ALA A 144 -2.37 -13.29 -10.66
CA ALA A 144 -1.54 -13.30 -11.87
C ALA A 144 -0.16 -13.74 -11.44
N LYS A 145 0.43 -14.66 -12.21
CA LYS A 145 1.78 -15.11 -11.92
C LYS A 145 2.72 -14.65 -13.03
N VAL A 146 3.79 -14.00 -12.62
CA VAL A 146 4.83 -13.56 -13.54
C VAL A 146 6.11 -14.32 -13.20
N GLN A 147 6.64 -14.98 -14.22
CA GLN A 147 7.88 -15.73 -14.08
CA GLN A 147 7.87 -15.75 -14.09
C GLN A 147 8.90 -15.19 -15.06
N TRP A 148 10.04 -14.76 -14.52
CA TRP A 148 11.15 -14.32 -15.36
C TRP A 148 12.03 -15.51 -15.74
N LYS A 149 12.45 -15.52 -17.01
CA LYS A 149 13.39 -16.52 -17.49
C LYS A 149 14.52 -15.82 -18.23
N VAL A 150 15.74 -16.22 -17.93
CA VAL A 150 16.92 -15.67 -18.58
C VAL A 150 17.61 -16.87 -19.21
N ASP A 151 17.70 -16.87 -20.53
CA ASP A 151 18.18 -18.05 -21.27
C ASP A 151 17.50 -19.32 -20.74
N ASN A 152 16.17 -19.17 -20.54
CA ASN A 152 15.28 -20.25 -20.15
C ASN A 152 15.39 -20.69 -18.69
N ALA A 153 16.29 -20.08 -17.95
CA ALA A 153 16.46 -20.40 -16.54
C ALA A 153 15.47 -19.57 -15.72
N LEU A 154 14.65 -20.26 -14.94
CA LEU A 154 13.69 -19.60 -14.05
CA LEU A 154 13.68 -19.57 -14.08
C LEU A 154 14.40 -18.79 -12.98
N GLN A 155 14.05 -17.51 -12.87
CA GLN A 155 14.62 -16.62 -11.86
C GLN A 155 13.83 -16.66 -10.54
N SER A 156 14.55 -16.51 -9.44
CA SER A 156 13.94 -16.37 -8.13
CA SER A 156 13.95 -16.39 -8.11
C SER A 156 14.75 -15.39 -7.29
N GLY A 157 14.04 -14.53 -6.57
CA GLY A 157 14.67 -13.69 -5.56
C GLY A 157 15.17 -12.35 -6.06
N ASN A 158 15.07 -12.11 -7.35
CA ASN A 158 15.67 -10.91 -7.95
C ASN A 158 14.64 -10.07 -8.72
N SER A 159 13.38 -10.21 -8.35
CA SER A 159 12.33 -9.36 -8.90
C SER A 159 11.41 -8.82 -7.81
N GLN A 160 10.75 -7.72 -8.13
CA GLN A 160 9.77 -7.11 -7.24
C GLN A 160 8.57 -6.68 -8.11
N GLU A 161 7.36 -6.85 -7.57
CA GLU A 161 6.09 -6.54 -8.27
C GLU A 161 5.39 -5.37 -7.56
N SER A 162 4.62 -4.61 -8.33
CA SER A 162 3.76 -3.57 -7.82
C SER A 162 2.46 -3.58 -8.63
N VAL A 163 1.33 -3.27 -7.98
CA VAL A 163 0.03 -3.34 -8.62
CA VAL A 163 0.02 -3.36 -8.61
C VAL A 163 -0.80 -2.09 -8.36
N THR A 164 -1.56 -1.65 -9.35
CA THR A 164 -2.46 -0.54 -9.17
C THR A 164 -3.74 -0.94 -8.44
N GLU A 165 -4.46 0.05 -7.92
CA GLU A 165 -5.82 -0.17 -7.43
C GLU A 165 -6.75 -0.43 -8.60
N GLN A 166 -7.89 -1.08 -8.33
CA GLN A 166 -8.87 -1.32 -9.38
C GLN A 166 -9.19 -0.03 -10.12
N ASP A 167 -9.16 -0.07 -11.43
CA ASP A 167 -9.47 1.11 -12.24
C ASP A 167 -10.90 1.58 -12.04
N SER A 168 -11.06 2.89 -11.90
CA SER A 168 -12.39 3.47 -11.66
C SER A 168 -13.37 3.25 -12.80
N LYS A 169 -12.86 3.07 -14.02
CA LYS A 169 -13.73 2.96 -15.19
C LYS A 169 -13.99 1.51 -15.58
N ASP A 170 -12.96 0.68 -15.59
CA ASP A 170 -13.11 -0.68 -16.10
C ASP A 170 -12.86 -1.80 -15.10
N SER A 171 -12.62 -1.42 -13.83
CA SER A 171 -12.47 -2.37 -12.74
C SER A 171 -11.34 -3.37 -12.91
N THR A 172 -10.37 -3.07 -13.76
CA THR A 172 -9.23 -3.97 -13.91
C THR A 172 -8.04 -3.54 -13.05
N TYR A 173 -7.07 -4.44 -12.94
CA TYR A 173 -5.78 -4.19 -12.31
C TYR A 173 -4.69 -4.09 -13.39
N SER A 174 -3.59 -3.44 -13.05
CA SER A 174 -2.39 -3.51 -13.84
C SER A 174 -1.23 -3.79 -12.89
N LEU A 175 -0.16 -4.39 -13.42
CA LEU A 175 0.94 -4.87 -12.59
C LEU A 175 2.26 -4.69 -13.34
N SER A 176 3.28 -4.30 -12.59
CA SER A 176 4.65 -4.28 -13.13
C SER A 176 5.52 -5.22 -12.33
N SER A 177 6.39 -5.95 -13.03
CA SER A 177 7.40 -6.74 -12.37
C SER A 177 8.73 -6.25 -12.90
N THR A 178 9.67 -6.06 -11.99
CA THR A 178 11.00 -5.56 -12.35
C THR A 178 12.04 -6.58 -11.93
N LEU A 179 12.81 -7.05 -12.91
CA LEU A 179 13.96 -7.96 -12.69
C LEU A 179 15.21 -7.10 -12.61
N THR A 180 15.94 -7.20 -11.51
CA THR A 180 17.16 -6.41 -11.34
C THR A 180 18.40 -7.28 -11.34
N LEU A 181 19.32 -6.95 -12.25
CA LEU A 181 20.58 -7.70 -12.42
C LEU A 181 21.73 -6.71 -12.41
N SER A 182 22.92 -7.16 -12.02
CA SER A 182 24.10 -6.34 -12.27
C SER A 182 24.27 -6.25 -13.78
N LYS A 183 24.95 -5.20 -14.21
CA LYS A 183 25.31 -5.07 -15.61
C LYS A 183 26.08 -6.30 -16.06
N ALA A 184 27.02 -6.76 -15.25
CA ALA A 184 27.83 -7.91 -15.66
C ALA A 184 26.99 -9.17 -15.88
N ASP A 185 26.08 -9.43 -14.95
CA ASP A 185 25.19 -10.58 -15.11
C ASP A 185 24.29 -10.40 -16.33
N TYR A 186 23.75 -9.20 -16.53
CA TYR A 186 22.90 -8.93 -17.68
C TYR A 186 23.62 -9.21 -19.00
N GLU A 187 24.88 -8.80 -19.07
CA GLU A 187 25.63 -8.92 -20.30
C GLU A 187 26.21 -10.30 -20.59
N LYS A 188 26.03 -11.26 -19.69
CA LYS A 188 26.50 -12.61 -19.97
C LYS A 188 25.36 -13.55 -20.39
N HIS A 189 24.23 -12.96 -20.75
CA HIS A 189 23.07 -13.71 -21.22
C HIS A 189 22.52 -13.13 -22.51
N LYS A 190 21.66 -13.88 -23.17
CA LYS A 190 21.09 -13.45 -24.45
CA LYS A 190 21.09 -13.47 -24.45
C LYS A 190 19.58 -13.20 -24.40
N VAL A 191 18.79 -14.16 -23.95
CA VAL A 191 17.33 -14.07 -24.08
C VAL A 191 16.65 -13.76 -22.75
N TYR A 192 15.86 -12.68 -22.73
CA TYR A 192 15.16 -12.24 -21.54
C TYR A 192 13.67 -12.41 -21.79
N ALA A 193 12.97 -13.11 -20.90
CA ALA A 193 11.56 -13.39 -21.12
C ALA A 193 10.75 -13.24 -19.85
N CYS A 194 9.52 -12.78 -20.02
CA CYS A 194 8.59 -12.82 -18.91
CA CYS A 194 8.53 -12.69 -18.98
C CYS A 194 7.37 -13.60 -19.36
N GLU A 195 7.06 -14.60 -18.53
CA GLU A 195 5.95 -15.52 -18.77
CA GLU A 195 5.95 -15.52 -18.79
C GLU A 195 4.83 -15.21 -17.81
N VAL A 196 3.64 -15.00 -18.36
CA VAL A 196 2.49 -14.60 -17.58
C VAL A 196 1.42 -15.68 -17.59
N THR A 197 1.02 -16.07 -16.38
CA THR A 197 -0.07 -16.99 -16.19
C THR A 197 -1.26 -16.25 -15.57
N HIS A 198 -2.42 -16.34 -16.21
CA HIS A 198 -3.64 -15.66 -15.75
C HIS A 198 -4.82 -16.44 -16.30
N GLN A 199 -5.89 -16.54 -15.53
CA GLN A 199 -7.02 -17.41 -15.91
CA GLN A 199 -6.96 -17.44 -15.95
C GLN A 199 -7.64 -16.97 -17.24
N GLY A 200 -7.53 -15.67 -17.56
CA GLY A 200 -7.96 -15.16 -18.85
C GLY A 200 -7.16 -15.61 -20.08
N LEU A 201 -5.97 -16.17 -19.85
CA LEU A 201 -5.12 -16.66 -20.91
C LEU A 201 -5.19 -18.18 -20.98
N SER A 202 -5.59 -18.71 -22.12
CA SER A 202 -5.83 -20.15 -22.22
C SER A 202 -4.55 -20.95 -21.98
N SER A 203 -3.39 -20.37 -22.31
CA SER A 203 -2.11 -20.87 -21.82
C SER A 203 -1.19 -19.66 -21.58
N PRO A 204 -0.10 -19.86 -20.85
CA PRO A 204 0.70 -18.70 -20.47
C PRO A 204 1.28 -17.98 -21.67
N VAL A 205 1.35 -16.66 -21.55
CA VAL A 205 1.90 -15.81 -22.60
C VAL A 205 3.31 -15.36 -22.22
N THR A 206 4.24 -15.52 -23.16
CA THR A 206 5.62 -15.07 -22.96
C THR A 206 5.96 -13.92 -23.90
N LYS A 207 6.53 -12.88 -23.35
CA LYS A 207 7.11 -11.81 -24.15
C LYS A 207 8.61 -11.83 -23.88
N SER A 208 9.40 -11.66 -24.92
N SER A 208 9.39 -11.70 -24.94
CA SER A 208 10.83 -11.77 -24.79
CA SER A 208 10.83 -11.85 -24.87
C SER A 208 11.58 -10.84 -25.73
C SER A 208 11.56 -10.79 -25.70
N PHE A 209 12.85 -10.64 -25.43
CA PHE A 209 13.76 -9.94 -26.31
C PHE A 209 15.14 -10.61 -26.24
N ASN A 210 15.91 -10.40 -27.29
CA ASN A 210 17.31 -10.81 -27.31
C ASN A 210 18.18 -9.59 -27.15
N ARG A 211 19.13 -9.64 -26.23
CA ARG A 211 20.13 -8.58 -26.13
CA ARG A 211 20.13 -8.58 -26.14
C ARG A 211 20.76 -8.31 -27.50
N GLY A 212 20.88 -7.03 -27.85
CA GLY A 212 21.48 -6.63 -29.10
C GLY A 212 20.50 -6.45 -30.24
N GLU A 213 19.21 -6.68 -29.99
CA GLU A 213 18.22 -6.52 -31.05
C GLU A 213 17.57 -5.15 -30.96
N CYS A 214 17.03 -4.70 -32.09
CA CYS A 214 16.41 -3.38 -32.19
C CYS A 214 15.05 -3.35 -31.48
N SER B 3 -17.16 16.25 11.17
CA SER B 3 -17.09 15.54 12.44
C SER B 3 -16.77 16.51 13.57
N GLU B 4 -17.58 16.50 14.62
CA GLU B 4 -17.31 17.39 15.74
C GLU B 4 -16.03 16.95 16.47
N VAL B 5 -15.81 15.64 16.58
CA VAL B 5 -14.57 15.15 17.19
C VAL B 5 -13.39 15.25 16.19
N GLN B 6 -12.29 15.88 16.62
CA GLN B 6 -11.08 16.00 15.82
C GLN B 6 -9.84 15.55 16.63
N LEU B 7 -8.98 14.75 15.99
CA LEU B 7 -7.72 14.32 16.58
C LEU B 7 -6.64 14.69 15.56
N VAL B 8 -5.68 15.53 15.97
CA VAL B 8 -4.66 16.02 15.05
C VAL B 8 -3.27 15.65 15.53
N GLU B 9 -2.64 14.72 14.82
CA GLU B 9 -1.29 14.27 15.15
C GLU B 9 -0.22 15.19 14.57
N SER B 10 0.90 15.26 15.27
CA SER B 10 2.08 15.99 14.79
CA SER B 10 2.08 16.01 14.81
C SER B 10 3.34 15.35 15.38
N GLY B 11 4.50 15.74 14.85
CA GLY B 11 5.78 15.31 15.38
C GLY B 11 6.44 14.18 14.61
N GLY B 12 5.79 13.72 13.56
CA GLY B 12 6.29 12.63 12.75
C GLY B 12 7.44 13.10 11.88
N GLY B 13 7.97 12.19 11.11
CA GLY B 13 9.02 12.56 10.17
C GLY B 13 10.05 11.50 10.05
N LEU B 14 11.21 11.89 9.49
N LEU B 14 11.15 11.87 9.41
CA LEU B 14 12.31 10.97 9.18
CA LEU B 14 12.27 10.99 9.21
C LEU B 14 13.39 10.93 10.26
C LEU B 14 13.12 10.91 10.47
N VAL B 15 13.67 9.74 10.72
CA VAL B 15 14.59 9.53 11.83
CA VAL B 15 14.59 9.53 11.82
C VAL B 15 15.51 8.35 11.50
N GLN B 16 16.74 8.41 11.99
CA GLN B 16 17.71 7.35 11.82
C GLN B 16 17.42 6.23 12.79
N PRO B 17 17.77 5.00 12.39
CA PRO B 17 17.66 3.89 13.33
C PRO B 17 18.43 4.22 14.59
N GLY B 18 17.83 3.92 15.73
CA GLY B 18 18.46 4.20 17.01
C GLY B 18 17.97 5.52 17.58
N GLY B 19 17.34 6.33 16.75
CA GLY B 19 16.93 7.66 17.13
C GLY B 19 15.60 7.71 17.86
N SER B 20 15.18 8.92 18.19
CA SER B 20 13.96 9.16 18.96
CA SER B 20 13.91 9.10 18.90
C SER B 20 13.05 10.18 18.29
N LEU B 21 11.75 10.09 18.55
CA LEU B 21 10.76 11.08 18.15
C LEU B 21 9.71 11.14 19.22
N ARG B 22 9.07 12.27 19.38
CA ARG B 22 7.89 12.34 20.23
CA ARG B 22 7.91 12.38 20.25
C ARG B 22 6.70 12.83 19.43
N LEU B 23 5.69 11.98 19.33
CA LEU B 23 4.46 12.37 18.66
C LEU B 23 3.51 13.05 19.63
N SER B 24 2.73 14.00 19.11
CA SER B 24 1.68 14.64 19.88
C SER B 24 0.36 14.50 19.13
N CYS B 25 -0.74 14.52 19.86
CA CYS B 25 -2.05 14.59 19.25
CA CYS B 25 -2.08 14.49 19.29
C CYS B 25 -2.92 15.50 20.08
N VAL B 26 -3.40 16.55 19.42
CA VAL B 26 -4.23 17.55 20.07
C VAL B 26 -5.66 17.29 19.66
N THR B 27 -6.53 17.18 20.65
CA THR B 27 -7.91 16.79 20.42
C THR B 27 -8.89 17.93 20.59
N SER B 28 -10.02 17.84 19.91
CA SER B 28 -11.10 18.78 20.15
C SER B 28 -12.46 18.10 19.97
N GLY B 29 -13.51 18.71 20.51
CA GLY B 29 -14.85 18.23 20.29
C GLY B 29 -15.37 17.24 21.32
N PHE B 30 -14.59 16.93 22.35
CA PHE B 30 -15.04 16.11 23.45
C PHE B 30 -14.25 16.44 24.70
N THR B 31 -14.73 15.98 25.83
CA THR B 31 -14.05 16.22 27.10
C THR B 31 -12.93 15.19 27.25
N PHE B 32 -11.72 15.59 26.88
CA PHE B 32 -10.60 14.67 26.72
C PHE B 32 -10.32 13.83 27.97
N ARG B 33 -10.35 14.46 29.13
CA ARG B 33 -10.03 13.80 30.39
CA ARG B 33 -9.99 13.77 30.35
C ARG B 33 -10.94 12.62 30.68
N LYS B 34 -12.09 12.55 30.01
CA LYS B 34 -13.05 11.49 30.30
C LYS B 34 -12.85 10.21 29.46
N PHE B 35 -11.90 10.24 28.54
CA PHE B 35 -11.71 9.11 27.62
C PHE B 35 -10.35 8.47 27.67
N GLY B 36 -10.35 7.13 27.58
CA GLY B 36 -9.12 6.40 27.31
C GLY B 36 -8.67 6.70 25.88
N MET B 37 -7.37 6.58 25.62
CA MET B 37 -6.83 6.89 24.28
C MET B 37 -5.79 5.85 23.91
N SER B 38 -5.58 5.68 22.59
CA SER B 38 -4.60 4.71 22.10
C SER B 38 -3.85 5.24 20.89
N TRP B 39 -2.70 4.64 20.64
CA TRP B 39 -2.05 4.83 19.36
C TRP B 39 -2.14 3.50 18.61
N VAL B 40 -2.40 3.60 17.31
CA VAL B 40 -2.47 2.46 16.41
C VAL B 40 -1.67 2.82 15.18
N ARG B 41 -0.90 1.91 14.63
CA ARG B 41 -0.09 2.23 13.46
C ARG B 41 -0.39 1.33 12.27
N GLN B 42 0.01 1.79 11.09
CA GLN B 42 -0.20 1.05 9.86
C GLN B 42 1.04 1.20 8.98
N ALA B 43 1.80 0.12 8.90
CA ALA B 43 2.99 0.09 8.07
C ALA B 43 2.59 0.18 6.61
N PRO B 44 3.50 0.66 5.76
CA PRO B 44 3.16 0.83 4.34
C PRO B 44 2.64 -0.45 3.68
N GLY B 45 1.44 -0.38 3.15
CA GLY B 45 0.84 -1.53 2.50
C GLY B 45 0.33 -2.64 3.41
N LYS B 46 0.29 -2.38 4.72
CA LYS B 46 -0.09 -3.42 5.66
C LYS B 46 -1.37 -3.03 6.41
N GLY B 47 -1.75 -3.86 7.38
CA GLY B 47 -2.96 -3.66 8.17
C GLY B 47 -2.72 -2.81 9.41
N LEU B 48 -3.70 -2.83 10.30
CA LEU B 48 -3.64 -2.05 11.51
C LEU B 48 -2.99 -2.84 12.62
N GLU B 49 -2.24 -2.13 13.46
CA GLU B 49 -1.55 -2.75 14.59
CA GLU B 49 -1.52 -2.74 14.59
C GLU B 49 -1.59 -1.82 15.80
N TRP B 50 -2.20 -2.29 16.88
CA TRP B 50 -2.26 -1.53 18.12
C TRP B 50 -0.87 -1.37 18.72
N VAL B 51 -0.58 -0.16 19.23
CA VAL B 51 0.72 0.19 19.79
C VAL B 51 0.66 0.37 21.33
N ALA B 52 -0.28 1.19 21.80
CA ALA B 52 -0.35 1.52 23.23
C ALA B 52 -1.67 2.17 23.58
N SER B 53 -2.06 2.02 24.85
CA SER B 53 -3.28 2.61 25.39
C SER B 53 -3.04 3.24 26.75
N ILE B 54 -3.84 4.24 27.10
CA ILE B 54 -3.71 4.95 28.38
C ILE B 54 -5.06 5.24 29.01
N SER B 55 -5.09 5.10 30.32
CA SER B 55 -6.31 5.23 31.11
C SER B 55 -6.76 6.67 31.28
N THR B 56 -8.00 6.82 31.77
CA THR B 56 -8.63 8.09 32.08
C THR B 56 -9.09 8.05 33.53
N PRO B 57 -8.97 9.16 34.25
CA PRO B 57 -8.50 10.47 33.80
C PRO B 57 -7.01 10.73 33.82
N ARG B 58 -6.28 10.30 34.85
CA ARG B 58 -4.91 10.75 35.03
C ARG B 58 -3.95 10.07 34.04
N GLY B 59 -4.31 8.88 33.58
CA GLY B 59 -3.39 8.14 32.75
C GLY B 59 -2.37 7.35 33.55
N SER B 60 -2.73 6.93 34.77
CA SER B 60 -1.78 6.15 35.58
C SER B 60 -1.47 4.78 34.98
N THR B 61 -2.43 4.26 34.24
CA THR B 61 -2.44 2.86 33.82
C THR B 61 -2.24 2.80 32.31
N THR B 62 -1.22 2.08 31.87
CA THR B 62 -0.84 2.06 30.46
C THR B 62 -0.54 0.65 29.98
N TYR B 63 -0.70 0.45 28.67
CA TYR B 63 -0.59 -0.82 28.00
C TYR B 63 0.23 -0.64 26.72
N TYR B 64 1.05 -1.63 26.44
CA TYR B 64 1.96 -1.63 25.28
C TYR B 64 1.96 -2.93 24.53
N SER B 65 2.13 -2.87 23.21
CA SER B 65 2.42 -4.08 22.45
C SER B 65 3.85 -4.56 22.78
N ASP B 66 4.10 -5.87 22.68
CA ASP B 66 5.45 -6.38 22.93
C ASP B 66 6.47 -5.79 21.96
N SER B 67 6.04 -5.42 20.76
CA SER B 67 6.93 -4.86 19.76
CA SER B 67 6.94 -4.87 19.77
C SER B 67 7.56 -3.56 20.23
N VAL B 68 6.84 -2.82 21.07
CA VAL B 68 7.31 -1.49 21.48
C VAL B 68 7.59 -1.33 22.96
N LYS B 69 7.23 -2.33 23.76
CA LYS B 69 7.41 -2.28 25.20
C LYS B 69 8.87 -1.98 25.57
N GLY B 70 9.06 -1.01 26.46
CA GLY B 70 10.40 -0.62 26.88
C GLY B 70 11.05 0.45 26.03
N ARG B 71 10.51 0.68 24.83
CA ARG B 71 11.03 1.67 23.90
C ARG B 71 10.09 2.88 23.80
N PHE B 72 8.79 2.63 23.87
CA PHE B 72 7.80 3.69 23.66
C PHE B 72 7.07 3.96 24.99
N THR B 73 6.70 5.23 25.21
CA THR B 73 5.91 5.61 26.37
C THR B 73 4.74 6.49 25.95
N ILE B 74 3.54 6.08 26.35
CA ILE B 74 2.34 6.85 26.12
C ILE B 74 2.05 7.70 27.36
N SER B 75 1.63 8.96 27.14
CA SER B 75 1.28 9.84 28.27
C SER B 75 0.23 10.83 27.81
N ARG B 76 -0.32 11.59 28.74
CA ARG B 76 -1.35 12.58 28.39
C ARG B 76 -1.21 13.81 29.24
N ASP B 77 -1.64 14.95 28.69
CA ASP B 77 -1.74 16.20 29.43
C ASP B 77 -3.15 16.75 29.23
N ASN B 78 -3.98 16.54 30.23
CA ASN B 78 -5.40 16.83 30.06
C ASN B 78 -5.66 18.31 29.93
N SER B 79 -4.80 19.14 30.52
CA SER B 79 -4.99 20.59 30.43
CA SER B 79 -5.01 20.58 30.44
C SER B 79 -4.72 21.13 29.05
N LYS B 80 -4.10 20.32 28.21
CA LYS B 80 -3.83 20.71 26.84
C LYS B 80 -4.58 19.83 25.83
N ASN B 81 -5.47 18.95 26.31
CA ASN B 81 -6.16 18.00 25.44
C ASN B 81 -5.18 17.26 24.55
N THR B 82 -4.01 16.89 25.09
CA THR B 82 -2.96 16.32 24.27
C THR B 82 -2.53 14.94 24.75
N LEU B 83 -2.43 14.04 23.79
CA LEU B 83 -1.86 12.71 23.95
C LEU B 83 -0.46 12.69 23.34
N TYR B 84 0.47 12.00 24.00
CA TYR B 84 1.85 11.89 23.51
C TYR B 84 2.25 10.44 23.30
N LEU B 85 3.19 10.24 22.36
CA LEU B 85 3.92 8.96 22.26
C LEU B 85 5.40 9.26 22.15
N GLN B 86 6.16 8.95 23.20
CA GLN B 86 7.61 9.08 23.14
C GLN B 86 8.14 7.78 22.55
N MET B 87 8.91 7.90 21.47
CA MET B 87 9.39 6.75 20.71
CA MET B 87 9.40 6.74 20.74
C MET B 87 10.92 6.73 20.71
N ASN B 88 11.50 5.80 21.46
CA ASN B 88 12.95 5.69 21.55
C ASN B 88 13.48 4.46 20.84
N SER B 89 14.79 4.45 20.56
CA SER B 89 15.44 3.28 19.97
C SER B 89 14.69 2.79 18.75
N LEU B 90 14.40 3.71 17.84
CA LEU B 90 13.54 3.40 16.70
C LEU B 90 14.24 2.45 15.74
N ARG B 91 13.45 1.59 15.10
CA ARG B 91 13.95 0.60 14.15
C ARG B 91 13.25 0.78 12.81
N ALA B 92 13.84 0.27 11.74
CA ALA B 92 13.20 0.37 10.43
C ALA B 92 11.75 -0.14 10.45
N GLU B 93 11.49 -1.19 11.21
CA GLU B 93 10.18 -1.81 11.16
C GLU B 93 9.13 -1.02 11.93
N ASP B 94 9.55 0.07 12.59
CA ASP B 94 8.61 1.02 13.19
C ASP B 94 8.05 2.02 12.18
N THR B 95 8.53 1.98 10.94
CA THR B 95 8.03 2.87 9.91
C THR B 95 6.55 2.60 9.66
N ALA B 96 5.73 3.65 9.76
CA ALA B 96 4.27 3.49 9.69
C ALA B 96 3.61 4.84 9.80
N VAL B 97 2.35 4.88 9.40
CA VAL B 97 1.48 5.99 9.78
C VAL B 97 1.00 5.70 11.20
N TYR B 98 1.20 6.64 12.11
CA TYR B 98 0.72 6.54 13.49
C TYR B 98 -0.54 7.34 13.68
N TYR B 99 -1.58 6.64 14.15
CA TYR B 99 -2.88 7.26 14.38
C TYR B 99 -3.13 7.40 15.87
N CYS B 100 -3.56 8.58 16.29
CA CYS B 100 -4.13 8.66 17.62
CA CYS B 100 -4.17 8.84 17.58
C CYS B 100 -5.63 8.38 17.53
N THR B 101 -6.13 7.71 18.57
CA THR B 101 -7.48 7.19 18.56
C THR B 101 -8.12 7.32 19.91
N ARG B 102 -9.45 7.48 19.90
CA ARG B 102 -10.21 7.61 21.14
C ARG B 102 -10.90 6.30 21.48
N GLY B 103 -10.78 5.87 22.73
CA GLY B 103 -11.54 4.71 23.19
C GLY B 103 -13.01 5.06 23.29
N TYR B 104 -13.92 4.27 22.71
CA TYR B 104 -15.32 4.71 22.56
C TYR B 104 -16.14 4.70 23.83
N SER B 105 -15.70 3.95 24.83
CA SER B 105 -16.47 3.84 26.07
C SER B 105 -15.60 3.91 27.31
N SER B 106 -16.23 4.04 28.46
CA SER B 106 -15.49 4.17 29.70
C SER B 106 -14.82 2.84 30.09
N THR B 107 -15.12 1.76 29.37
CA THR B 107 -14.58 0.43 29.70
C THR B 107 -13.90 -0.31 28.54
N SER B 108 -13.69 0.36 27.42
CA SER B 108 -13.07 -0.28 26.26
C SER B 108 -12.10 0.67 25.59
N TYR B 109 -10.97 0.13 25.12
CA TYR B 109 -10.06 0.88 24.26
C TYR B 109 -10.41 0.75 22.78
N ALA B 110 -11.42 -0.05 22.41
CA ALA B 110 -11.84 -0.10 21.01
C ALA B 110 -12.07 1.33 20.52
N MET B 111 -11.53 1.65 19.35
CA MET B 111 -11.46 3.02 18.88
C MET B 111 -12.73 3.42 18.17
N ASP B 112 -13.24 4.64 18.44
CA ASP B 112 -14.29 5.19 17.58
C ASP B 112 -13.67 6.18 16.61
N TYR B 113 -13.11 7.27 17.12
CA TYR B 113 -12.53 8.31 16.27
C TYR B 113 -11.02 8.16 16.12
N TRP B 114 -10.55 8.49 14.92
CA TRP B 114 -9.15 8.36 14.51
C TRP B 114 -8.70 9.70 13.94
N GLY B 115 -7.45 10.08 14.17
CA GLY B 115 -6.85 11.22 13.47
C GLY B 115 -6.53 10.85 12.03
N GLN B 116 -6.01 11.81 11.27
CA GLN B 116 -5.58 11.52 9.91
C GLN B 116 -4.28 10.75 9.86
N GLY B 117 -3.55 10.75 10.97
CA GLY B 117 -2.30 10.03 11.05
C GLY B 117 -1.06 10.89 10.81
N THR B 118 0.05 10.46 11.40
CA THR B 118 1.34 11.10 11.11
C THR B 118 2.37 10.05 10.70
N LEU B 119 3.09 10.32 9.60
CA LEU B 119 4.02 9.34 9.07
C LEU B 119 5.38 9.43 9.76
N VAL B 120 5.83 8.28 10.24
CA VAL B 120 7.15 8.14 10.82
C VAL B 120 7.95 7.20 9.92
N THR B 121 9.09 7.68 9.44
CA THR B 121 9.95 6.89 8.55
C THR B 121 11.29 6.70 9.23
N VAL B 122 11.66 5.45 9.47
CA VAL B 122 12.91 5.16 10.15
C VAL B 122 13.85 4.54 9.14
N SER B 123 14.92 5.26 8.80
CA SER B 123 15.83 4.83 7.73
C SER B 123 17.18 5.50 7.87
N SER B 124 18.22 4.81 7.43
CA SER B 124 19.57 5.36 7.36
CA SER B 124 19.55 5.41 7.38
C SER B 124 19.87 6.02 6.01
N ALA B 125 18.94 5.92 5.06
CA ALA B 125 19.19 6.48 3.73
C ALA B 125 19.30 8.01 3.73
N SER B 126 20.07 8.54 2.77
CA SER B 126 20.19 9.97 2.61
C SER B 126 19.28 10.43 1.48
N THR B 127 18.86 11.69 1.54
CA THR B 127 18.08 12.27 0.44
C THR B 127 18.81 12.08 -0.87
N LYS B 128 18.10 11.53 -1.86
CA LYS B 128 18.70 11.28 -3.17
C LYS B 128 17.61 11.36 -4.21
N GLY B 129 17.87 12.10 -5.29
CA GLY B 129 16.95 12.16 -6.41
C GLY B 129 17.05 10.94 -7.30
N PRO B 130 15.96 10.64 -8.01
CA PRO B 130 15.93 9.47 -8.90
C PRO B 130 16.70 9.67 -10.18
N SER B 131 17.15 8.56 -10.76
CA SER B 131 17.47 8.54 -12.17
C SER B 131 16.21 8.13 -12.92
N VAL B 132 15.99 8.72 -14.07
CA VAL B 132 14.79 8.41 -14.86
C VAL B 132 15.22 7.80 -16.18
N PHE B 133 14.74 6.58 -16.42
CA PHE B 133 15.12 5.82 -17.59
C PHE B 133 13.89 5.50 -18.44
N PRO B 134 14.04 5.57 -19.76
CA PRO B 134 12.89 5.27 -20.61
C PRO B 134 12.56 3.79 -20.67
N LEU B 135 11.27 3.50 -20.73
CA LEU B 135 10.73 2.18 -21.09
C LEU B 135 10.24 2.39 -22.52
N ALA B 136 11.12 2.15 -23.49
CA ALA B 136 10.84 2.54 -24.87
C ALA B 136 9.83 1.59 -25.51
N PRO B 137 8.97 2.14 -26.38
CA PRO B 137 8.01 1.26 -27.05
C PRO B 137 8.68 0.27 -27.97
N SER B 138 8.21 -0.97 -27.93
CA SER B 138 8.76 -2.04 -28.75
C SER B 138 8.75 -1.73 -30.24
N SER B 139 9.83 -2.07 -30.92
CA SER B 139 9.86 -1.97 -32.38
C SER B 139 8.85 -2.91 -33.03
N LYS B 140 8.34 -3.88 -32.25
CA LYS B 140 7.38 -4.84 -32.77
C LYS B 140 5.94 -4.46 -32.43
N SER B 141 5.74 -3.21 -31.95
CA SER B 141 4.40 -2.73 -31.68
C SER B 141 3.47 -2.97 -32.87
N THR B 142 2.31 -3.53 -32.59
CA THR B 142 1.35 -4.02 -33.57
CA THR B 142 1.50 -4.03 -33.68
C THR B 142 0.89 -2.92 -34.51
N SER B 143 0.94 -3.16 -35.82
CA SER B 143 0.51 -2.17 -36.77
CA SER B 143 0.49 -2.20 -36.80
C SER B 143 -0.99 -1.87 -36.60
N GLY B 144 -1.28 -0.60 -36.34
CA GLY B 144 -2.63 -0.14 -36.12
C GLY B 144 -3.18 -0.57 -34.79
N GLY B 145 -2.32 -1.12 -33.92
CA GLY B 145 -2.75 -1.61 -32.62
C GLY B 145 -2.33 -0.69 -31.48
N THR B 146 -2.04 -1.30 -30.33
CA THR B 146 -1.77 -0.56 -29.11
C THR B 146 -0.35 -0.84 -28.66
N ALA B 147 0.40 0.22 -28.29
CA ALA B 147 1.76 0.10 -27.80
C ALA B 147 1.82 0.54 -26.35
N ALA B 148 2.84 0.07 -25.63
CA ALA B 148 3.09 0.57 -24.26
C ALA B 148 4.47 1.18 -24.17
N LEU B 149 4.57 2.23 -23.37
CA LEU B 149 5.84 2.87 -23.10
C LEU B 149 5.76 3.45 -21.68
N GLY B 150 6.90 3.89 -21.15
CA GLY B 150 6.87 4.35 -19.78
C GLY B 150 8.20 4.95 -19.36
N CYS B 151 8.27 5.19 -18.06
CA CYS B 151 9.48 5.68 -17.42
CA CYS B 151 9.52 5.62 -17.45
C CYS B 151 9.74 4.90 -16.13
N LEU B 152 10.98 4.48 -15.93
CA LEU B 152 11.40 3.89 -14.65
C LEU B 152 12.11 4.96 -13.84
N VAL B 153 11.61 5.19 -12.64
CA VAL B 153 12.08 6.27 -11.77
C VAL B 153 12.79 5.57 -10.63
N LYS B 154 14.12 5.52 -10.71
CA LYS B 154 14.89 4.59 -9.89
C LYS B 154 15.77 5.25 -8.87
N ASP B 155 15.77 4.65 -7.67
CA ASP B 155 16.76 4.93 -6.64
C ASP B 155 16.64 6.31 -6.03
N TYR B 156 15.50 6.60 -5.43
CA TYR B 156 15.29 7.89 -4.79
C TYR B 156 14.92 7.71 -3.32
N PHE B 157 15.13 8.75 -2.52
CA PHE B 157 14.70 8.75 -1.13
C PHE B 157 14.56 10.18 -0.67
N PRO B 158 13.54 10.47 0.18
CA PRO B 158 12.45 9.63 0.63
C PRO B 158 11.30 9.73 -0.36
N GLU B 159 10.21 9.03 -0.09
CA GLU B 159 8.98 9.26 -0.82
CA GLU B 159 8.95 9.24 -0.79
C GLU B 159 8.50 10.68 -0.55
N PRO B 160 7.70 11.25 -1.45
CA PRO B 160 7.19 10.70 -2.69
C PRO B 160 7.82 11.31 -3.93
N VAL B 161 7.50 10.69 -5.07
CA VAL B 161 7.73 11.31 -6.37
CA VAL B 161 7.74 11.31 -6.36
C VAL B 161 6.40 11.46 -7.05
N THR B 162 6.29 12.45 -7.92
CA THR B 162 5.08 12.58 -8.74
C THR B 162 5.50 12.35 -10.18
N VAL B 163 4.60 11.76 -10.95
CA VAL B 163 4.79 11.58 -12.37
C VAL B 163 3.55 11.99 -13.15
N SER B 164 3.76 12.82 -14.17
CA SER B 164 2.69 13.13 -15.11
CA SER B 164 2.70 13.16 -15.11
C SER B 164 3.22 12.85 -16.50
N TRP B 165 2.31 12.85 -17.48
CA TRP B 165 2.71 12.68 -18.89
C TRP B 165 2.27 13.90 -19.69
N ASN B 166 3.17 14.41 -20.51
CA ASN B 166 2.90 15.56 -21.36
C ASN B 166 2.30 16.70 -20.56
N SER B 167 2.93 16.95 -19.42
CA SER B 167 2.54 18.04 -18.50
C SER B 167 1.09 17.96 -18.05
N GLY B 168 0.56 16.74 -17.95
CA GLY B 168 -0.80 16.51 -17.53
C GLY B 168 -1.83 16.42 -18.65
N ALA B 169 -1.40 16.61 -19.89
CA ALA B 169 -2.30 16.53 -21.03
C ALA B 169 -2.66 15.08 -21.37
N LEU B 170 -1.81 14.15 -20.99
CA LEU B 170 -2.03 12.73 -21.26
C LEU B 170 -2.33 12.02 -19.96
N THR B 171 -3.57 11.59 -19.80
CA THR B 171 -4.00 10.88 -18.59
C THR B 171 -4.66 9.54 -18.90
N SER B 172 -5.32 9.42 -20.04
CA SER B 172 -5.96 8.17 -20.45
CA SER B 172 -5.96 8.17 -20.40
C SER B 172 -4.92 7.08 -20.67
N GLY B 173 -5.13 5.93 -20.07
CA GLY B 173 -4.23 4.80 -20.26
C GLY B 173 -3.00 4.81 -19.38
N VAL B 174 -2.84 5.82 -18.53
CA VAL B 174 -1.68 5.91 -17.66
C VAL B 174 -1.83 5.03 -16.43
N HIS B 175 -0.79 4.29 -16.09
CA HIS B 175 -0.74 3.58 -14.83
C HIS B 175 0.58 3.92 -14.14
N THR B 176 0.49 4.63 -13.02
CA THR B 176 1.67 4.92 -12.23
C THR B 176 1.63 4.03 -11.01
N PHE B 177 2.61 3.14 -10.91
CA PHE B 177 2.60 2.08 -9.90
C PHE B 177 3.07 2.56 -8.53
N PRO B 178 2.57 1.92 -7.46
CA PRO B 178 3.12 2.24 -6.14
C PRO B 178 4.62 2.00 -6.15
N ALA B 179 5.32 2.83 -5.41
CA ALA B 179 6.76 2.64 -5.22
C ALA B 179 7.08 1.36 -4.46
N VAL B 180 8.25 0.82 -4.75
CA VAL B 180 8.75 -0.33 -4.03
CA VAL B 180 8.76 -0.34 -4.05
C VAL B 180 10.01 0.08 -3.32
N LEU B 181 10.14 -0.37 -2.06
CA LEU B 181 11.34 -0.15 -1.27
C LEU B 181 12.35 -1.26 -1.59
N GLN B 182 13.49 -0.85 -2.14
CA GLN B 182 14.50 -1.81 -2.54
C GLN B 182 15.40 -2.18 -1.37
N SER B 183 16.15 -3.28 -1.49
CA SER B 183 17.03 -3.70 -0.41
C SER B 183 18.09 -2.66 -0.06
N SER B 184 18.39 -1.78 -0.99
CA SER B 184 19.33 -0.68 -0.76
C SER B 184 18.80 0.39 0.17
N GLY B 185 17.50 0.35 0.47
CA GLY B 185 16.84 1.41 1.23
C GLY B 185 16.31 2.55 0.37
N LEU B 186 16.53 2.47 -0.95
CA LEU B 186 16.00 3.47 -1.88
C LEU B 186 14.75 2.95 -2.54
N TYR B 187 13.92 3.86 -3.02
CA TYR B 187 12.67 3.52 -3.70
C TYR B 187 12.84 3.52 -5.21
N SER B 188 11.95 2.77 -5.87
CA SER B 188 11.81 2.79 -7.32
CA SER B 188 11.81 2.83 -7.31
CA SER B 188 11.80 2.82 -7.31
C SER B 188 10.34 2.70 -7.68
N LEU B 189 9.95 3.34 -8.78
CA LEU B 189 8.58 3.34 -9.28
CA LEU B 189 8.64 3.05 -9.33
C LEU B 189 8.63 3.30 -10.81
N SER B 190 7.67 2.65 -11.45
CA SER B 190 7.49 2.83 -12.89
CA SER B 190 7.47 2.79 -12.88
C SER B 190 6.13 3.46 -13.17
N SER B 191 6.08 4.23 -14.25
CA SER B 191 4.85 4.78 -14.78
C SER B 191 4.81 4.39 -16.26
N VAL B 192 3.67 3.88 -16.70
CA VAL B 192 3.49 3.46 -18.07
C VAL B 192 2.23 4.05 -18.65
N VAL B 193 2.15 4.02 -19.98
CA VAL B 193 0.95 4.44 -20.67
C VAL B 193 0.82 3.61 -21.93
N THR B 194 -0.42 3.30 -22.30
CA THR B 194 -0.68 2.67 -23.59
C THR B 194 -1.19 3.73 -24.53
N VAL B 195 -0.71 3.65 -25.79
CA VAL B 195 -0.96 4.66 -26.82
C VAL B 195 -1.12 3.93 -28.16
N PRO B 196 -1.66 4.63 -29.16
CA PRO B 196 -1.75 3.95 -30.46
C PRO B 196 -0.37 3.70 -31.06
N SER B 197 -0.15 2.49 -31.57
CA SER B 197 1.11 2.19 -32.29
C SER B 197 1.32 3.19 -33.40
N SER B 198 0.22 3.63 -34.02
CA SER B 198 0.33 4.53 -35.17
C SER B 198 0.84 5.92 -34.81
N SER B 199 0.89 6.22 -33.51
CA SER B 199 1.33 7.52 -33.04
C SER B 199 2.82 7.61 -32.76
N LEU B 200 3.52 6.48 -32.78
CA LEU B 200 4.88 6.45 -32.25
C LEU B 200 5.88 7.33 -33.02
N GLY B 201 5.69 7.49 -34.31
CA GLY B 201 6.61 8.26 -35.12
C GLY B 201 6.36 9.77 -35.10
N THR B 202 5.21 10.20 -34.59
CA THR B 202 4.80 11.60 -34.75
C THR B 202 4.40 12.30 -33.46
N GLN B 203 3.86 11.58 -32.48
CA GLN B 203 3.46 12.21 -31.23
CA GLN B 203 3.43 12.16 -31.21
C GLN B 203 4.57 12.09 -30.20
N THR B 204 4.72 13.14 -29.42
CA THR B 204 5.74 13.14 -28.39
CA THR B 204 5.72 13.22 -28.37
C THR B 204 5.17 12.70 -27.06
N TYR B 205 5.94 11.87 -26.37
CA TYR B 205 5.57 11.33 -25.05
C TYR B 205 6.69 11.67 -24.08
N ILE B 206 6.37 12.51 -23.10
CA ILE B 206 7.33 12.96 -22.11
C ILE B 206 6.80 12.68 -20.71
N CYS B 207 7.61 11.99 -19.92
CA CYS B 207 7.23 11.81 -18.52
CA CYS B 207 7.32 11.73 -18.51
C CYS B 207 7.87 12.91 -17.68
N ASN B 208 7.04 13.55 -16.86
CA ASN B 208 7.46 14.66 -16.02
C ASN B 208 7.55 14.17 -14.60
N VAL B 209 8.79 14.07 -14.11
CA VAL B 209 9.06 13.47 -12.80
C VAL B 209 9.49 14.56 -11.85
N ASN B 210 8.91 14.60 -10.66
CA ASN B 210 9.30 15.60 -9.68
C ASN B 210 9.53 14.91 -8.34
N HIS B 211 10.75 15.07 -7.81
CA HIS B 211 11.08 14.59 -6.47
C HIS B 211 11.47 15.81 -5.66
N LYS B 212 10.49 16.38 -4.98
CA LYS B 212 10.71 17.64 -4.28
C LYS B 212 11.80 17.62 -3.17
N PRO B 213 11.92 16.52 -2.41
CA PRO B 213 12.94 16.53 -1.36
C PRO B 213 14.36 16.80 -1.89
N SER B 214 14.66 16.32 -3.10
CA SER B 214 16.00 16.53 -3.67
C SER B 214 16.04 17.66 -4.71
N ASN B 215 14.91 18.33 -4.91
CA ASN B 215 14.77 19.36 -5.95
C ASN B 215 15.06 18.81 -7.32
N THR B 216 14.71 17.53 -7.54
CA THR B 216 14.95 16.88 -8.81
C THR B 216 13.70 17.03 -9.68
N LYS B 217 13.86 17.65 -10.83
CA LYS B 217 12.77 17.78 -11.81
C LYS B 217 13.29 17.31 -13.13
N VAL B 218 12.77 16.21 -13.63
CA VAL B 218 13.29 15.62 -14.87
C VAL B 218 12.11 15.44 -15.82
N ASP B 219 12.28 15.89 -17.06
CA ASP B 219 11.35 15.57 -18.12
C ASP B 219 12.09 14.62 -19.05
N LYS B 220 11.57 13.43 -19.26
CA LYS B 220 12.24 12.44 -20.12
C LYS B 220 11.34 12.13 -21.33
N LYS B 221 11.82 12.48 -22.52
CA LYS B 221 11.12 12.08 -23.75
C LYS B 221 11.37 10.60 -23.98
N VAL B 222 10.29 9.84 -24.17
CA VAL B 222 10.36 8.40 -24.35
C VAL B 222 10.02 8.12 -25.81
N GLU B 223 10.97 7.56 -26.53
CA GLU B 223 10.76 7.38 -27.96
C GLU B 223 11.28 6.03 -28.42
N PRO B 224 10.87 5.62 -29.63
CA PRO B 224 11.38 4.36 -30.17
C PRO B 224 12.89 4.41 -30.23
N LYS B 225 13.56 3.33 -29.85
CA LYS B 225 15.02 3.32 -29.76
C LYS B 225 15.59 3.19 -31.16
N SER B 226 16.57 4.03 -31.50
CA SER B 226 17.14 4.05 -32.85
C SER B 226 17.76 2.72 -33.25
N CYS B 227 17.51 2.36 -34.50
CA CYS B 227 17.97 1.13 -35.14
C CYS B 227 16.87 0.62 -36.06
N LYS C 4 -13.71 -12.30 31.65
CA LYS C 4 -13.43 -10.90 31.95
C LYS C 4 -12.09 -10.46 31.37
N GLY C 5 -12.07 -9.27 30.76
CA GLY C 5 -10.86 -8.74 30.18
C GLY C 5 -9.79 -8.40 31.22
N ASN C 6 -8.57 -8.20 30.73
CA ASN C 6 -7.39 -8.00 31.57
C ASN C 6 -6.88 -6.58 31.60
N TYR C 7 -7.76 -5.60 31.40
CA TYR C 7 -7.32 -4.23 31.40
C TYR C 7 -8.36 -3.25 31.91
N VAL C 8 -7.86 -2.09 32.32
CA VAL C 8 -8.67 -1.00 32.87
CA VAL C 8 -8.73 -1.03 32.80
C VAL C 8 -8.58 0.22 31.95
N VAL C 9 -9.71 0.87 31.73
CA VAL C 9 -9.79 2.14 31.01
C VAL C 9 -10.02 3.29 31.99
N THR C 10 -11.07 3.21 32.80
CA THR C 10 -11.36 4.29 33.76
C THR C 10 -10.84 3.93 35.16
N HIS C 12 -9.58 5.25 39.15
CA HIS C 12 -10.16 6.08 40.21
C HIS C 12 -9.22 6.25 41.40
#